data_6Q4Z
#
_entry.id   6Q4Z
#
_cell.length_a   55.389
_cell.length_b   98.115
_cell.length_c   105.621
_cell.angle_alpha   90.00
_cell.angle_beta   90.00
_cell.angle_gamma   90.00
#
_symmetry.space_group_name_H-M   'P 21 21 21'
#
loop_
_entity.id
_entity.type
_entity.pdbx_description
1 polymer 'LmxM MPT-2 D94N'
2 branched beta-D-mannopyranose-(1-2)-alpha-D-mannopyranose
3 water water
#
_entity_poly.entity_id   1
_entity_poly.type   'polypeptide(L)'
_entity_poly.pdbx_seq_one_letter_code
;MGSSHHHHHHSSGLVPRGSHMGLLNTKPCSLIPAKEAFEREKKIYGKAILSFDGVNGYDVYNCSIPFTYDGKTYIFGRVE
KKDEWVHSNSILFEKVGENRYRRHPASITYNLENPFVVKIHGEMVFGGTHVTKNGGKVSDYRCEFYHGTPFNLKYFSSGP
SKMKDIRLVELADGKIGIFTHFRTEGSCLTGFTTIDKVEDLTVEVINSAKLINHRPFGDAWGGPSQVYLLSSGLLGCISH
HGYLLDQKDGIQLRIYACTSFVFDPATYEVYNFKIIGTKGCFPPCEPKLPHLADCAFVSGIEMRNDGKCNLYSGIGDVAE
GYIVIDYPFEGYGKIVSDVAF
;
_entity_poly.pdbx_strand_id   A,B
#
# COMPACT_ATOMS: atom_id res chain seq x y z
N THR A 26 15.23 36.63 8.61
CA THR A 26 16.43 36.73 7.69
C THR A 26 16.30 35.68 6.59
N LYS A 27 16.83 36.01 5.40
CA LYS A 27 16.63 35.24 4.13
C LYS A 27 15.16 34.81 4.06
N PRO A 28 14.20 35.76 4.09
CA PRO A 28 12.79 35.44 3.87
C PRO A 28 12.73 34.75 2.50
N CYS A 29 11.83 33.79 2.32
CA CYS A 29 11.74 33.08 1.02
C CYS A 29 11.52 34.07 -0.12
N SER A 30 12.30 33.89 -1.19
CA SER A 30 12.24 34.67 -2.46
C SER A 30 10.82 34.71 -3.01
N LEU A 31 9.98 33.71 -2.70
CA LEU A 31 8.64 33.56 -3.31
C LEU A 31 7.61 34.47 -2.62
N ILE A 32 7.90 35.02 -1.45
CA ILE A 32 6.87 35.77 -0.69
C ILE A 32 6.32 36.93 -1.53
N PRO A 33 7.15 37.81 -2.15
CA PRO A 33 6.59 38.91 -2.92
C PRO A 33 5.62 38.47 -4.02
N ALA A 34 5.96 37.40 -4.72
CA ALA A 34 5.14 36.84 -5.82
C ALA A 34 3.83 36.33 -5.23
N LYS A 35 3.88 35.62 -4.10
CA LYS A 35 2.64 35.12 -3.41
C LYS A 35 1.71 36.30 -3.08
N GLU A 36 2.25 37.35 -2.47
CA GLU A 36 1.49 38.56 -2.09
C GLU A 36 0.97 39.27 -3.35
N ALA A 37 1.78 39.37 -4.41
CA ALA A 37 1.37 40.05 -5.67
C ALA A 37 0.22 39.27 -6.33
N PHE A 38 0.32 37.94 -6.31
CA PHE A 38 -0.71 37.05 -6.88
C PHE A 38 -2.02 37.30 -6.14
N GLU A 39 -1.96 37.35 -4.81
CA GLU A 39 -3.19 37.59 -4.02
C GLU A 39 -3.78 38.97 -4.38
N ARG A 40 -2.98 39.98 -4.70
CA ARG A 40 -3.52 41.29 -5.14
C ARG A 40 -4.13 41.18 -6.55
N GLU A 41 -3.46 40.50 -7.49
CA GLU A 41 -3.67 40.74 -8.96
C GLU A 41 -4.45 39.59 -9.63
N LYS A 42 -4.64 38.47 -8.95
CA LYS A 42 -5.29 37.25 -9.52
C LYS A 42 -6.67 37.53 -10.09
N LYS A 43 -7.04 36.75 -11.11
CA LYS A 43 -8.42 36.70 -11.66
C LYS A 43 -9.01 35.32 -11.36
N ILE A 44 -10.02 35.25 -10.51
CA ILE A 44 -10.77 34.01 -10.16
C ILE A 44 -12.18 34.17 -10.72
N TYR A 45 -12.66 33.18 -11.45
CA TYR A 45 -13.96 33.24 -12.18
C TYR A 45 -14.99 32.36 -11.50
N GLY A 46 -14.59 31.67 -10.43
CA GLY A 46 -15.46 30.74 -9.68
C GLY A 46 -14.65 29.83 -8.79
N LYS A 47 -15.34 29.13 -7.90
CA LYS A 47 -14.68 28.22 -6.95
C LYS A 47 -15.70 27.26 -6.38
N ALA A 48 -15.20 26.14 -5.85
CA ALA A 48 -16.05 25.11 -5.23
C ALA A 48 -15.19 24.20 -4.35
N ILE A 49 -15.83 23.60 -3.36
CA ILE A 49 -15.24 22.48 -2.59
C ILE A 49 -16.01 21.24 -3.02
N LEU A 50 -15.29 20.16 -3.29
CA LEU A 50 -15.87 18.86 -3.69
C LEU A 50 -16.42 18.17 -2.43
N SER A 51 -17.48 17.39 -2.62
CA SER A 51 -18.14 16.53 -1.61
C SER A 51 -17.84 15.08 -1.97
N PHE A 52 -17.49 14.28 -0.96
CA PHE A 52 -17.16 12.86 -1.12
C PHE A 52 -18.07 12.01 -0.25
N ASP A 53 -18.68 11.01 -0.86
CA ASP A 53 -19.59 10.04 -0.20
C ASP A 53 -18.84 8.69 -0.07
N GLY A 54 -19.22 7.89 0.93
CA GLY A 54 -18.83 6.48 1.04
C GLY A 54 -17.51 6.28 1.75
N VAL A 55 -17.05 7.28 2.50
CA VAL A 55 -15.82 7.12 3.33
C VAL A 55 -16.08 7.50 4.79
N ASN A 56 -17.27 7.22 5.31
CA ASN A 56 -17.52 7.22 6.78
C ASN A 56 -17.21 8.62 7.36
N GLY A 57 -17.44 9.66 6.59
CA GLY A 57 -17.18 11.06 7.03
C GLY A 57 -15.69 11.46 7.06
N TYR A 58 -14.75 10.58 6.68
CA TYR A 58 -13.29 10.89 6.63
C TYR A 58 -13.06 12.09 5.71
N ASP A 59 -11.97 12.80 5.93
CA ASP A 59 -11.55 13.87 5.00
C ASP A 59 -11.02 13.22 3.72
N VAL A 60 -11.15 13.96 2.62
CA VAL A 60 -10.59 13.56 1.31
C VAL A 60 -9.87 14.79 0.73
N TYR A 61 -8.60 14.63 0.41
CA TYR A 61 -7.78 15.76 -0.05
C TYR A 61 -6.65 15.25 -0.94
N ASN A 62 -5.84 16.21 -1.41
CA ASN A 62 -4.64 15.95 -2.24
C ASN A 62 -4.99 14.90 -3.30
N CYS A 63 -6.03 15.18 -4.06
CA CYS A 63 -6.57 14.24 -5.07
C CYS A 63 -5.67 14.22 -6.33
N SER A 64 -5.90 13.21 -7.14
CA SER A 64 -5.49 13.25 -8.56
C SER A 64 -6.29 14.34 -9.26
N ILE A 65 -5.97 14.63 -10.52
CA ILE A 65 -6.95 15.35 -11.37
C ILE A 65 -8.08 14.39 -11.69
N PRO A 66 -9.28 14.89 -12.03
CA PRO A 66 -10.34 14.04 -12.56
C PRO A 66 -9.90 13.42 -13.89
N PHE A 67 -10.43 12.26 -14.18
CA PHE A 67 -10.20 11.56 -15.46
C PHE A 67 -11.50 10.91 -15.90
N THR A 68 -11.55 10.49 -17.15
CA THR A 68 -12.73 9.76 -17.67
C THR A 68 -12.35 8.33 -18.01
N TYR A 69 -13.33 7.46 -17.92
CA TYR A 69 -13.21 6.04 -18.27
C TYR A 69 -14.59 5.45 -18.49
N ASP A 70 -14.79 4.77 -19.62
CA ASP A 70 -16.00 3.95 -19.87
C ASP A 70 -17.26 4.80 -19.63
N GLY A 71 -17.22 6.08 -20.01
CA GLY A 71 -18.39 6.97 -20.06
C GLY A 71 -18.66 7.69 -18.74
N LYS A 72 -17.76 7.58 -17.76
CA LYS A 72 -17.92 8.18 -16.42
C LYS A 72 -16.67 8.99 -16.06
N THR A 73 -16.82 9.88 -15.08
CA THR A 73 -15.74 10.71 -14.53
C THR A 73 -15.36 10.14 -13.17
N TYR A 74 -14.06 10.09 -12.92
CA TYR A 74 -13.45 9.55 -11.70
C TYR A 74 -12.43 10.52 -11.13
N ILE A 75 -12.10 10.35 -9.86
CA ILE A 75 -10.96 11.06 -9.23
C ILE A 75 -10.42 10.17 -8.11
N PHE A 76 -9.12 10.09 -7.96
CA PHE A 76 -8.52 9.38 -6.79
C PHE A 76 -8.37 10.41 -5.68
N GLY A 77 -8.74 10.01 -4.46
CA GLY A 77 -8.62 10.89 -3.28
C GLY A 77 -7.77 10.25 -2.19
N ARG A 78 -7.03 11.09 -1.49
CA ARG A 78 -6.34 10.70 -0.24
C ARG A 78 -7.38 10.79 0.89
N VAL A 79 -7.63 9.66 1.53
CA VAL A 79 -8.72 9.52 2.52
C VAL A 79 -8.12 9.31 3.91
N GLU A 80 -8.48 10.17 4.86
CA GLU A 80 -7.82 10.17 6.19
C GLU A 80 -8.78 10.80 7.20
N LYS A 81 -8.81 10.25 8.40
CA LYS A 81 -9.61 10.85 9.48
C LYS A 81 -8.97 12.21 9.85
N LYS A 82 -9.79 13.20 10.16
CA LYS A 82 -9.31 14.59 10.40
C LYS A 82 -8.28 14.60 11.53
N ASP A 83 -8.51 13.83 12.59
CA ASP A 83 -7.65 13.85 13.80
C ASP A 83 -6.60 12.75 13.76
N GLU A 84 -6.34 12.16 12.59
CA GLU A 84 -5.26 11.15 12.42
C GLU A 84 -4.22 11.69 11.45
N TRP A 85 -2.97 11.46 11.79
CA TRP A 85 -1.78 11.91 11.03
CA TRP A 85 -1.82 11.91 10.97
C TRP A 85 -1.10 10.69 10.41
N VAL A 86 -0.84 10.73 9.11
CA VAL A 86 -0.14 9.63 8.38
C VAL A 86 -0.90 8.31 8.57
N HIS A 87 -2.20 8.37 8.33
CA HIS A 87 -3.09 7.20 8.30
C HIS A 87 -3.99 7.25 7.06
N SER A 88 -3.39 7.41 5.89
CA SER A 88 -4.14 7.60 4.64
C SER A 88 -4.23 6.32 3.81
N ASN A 89 -5.28 6.27 3.01
CA ASN A 89 -5.40 5.34 1.89
C ASN A 89 -5.91 6.14 0.69
N SER A 90 -5.59 5.66 -0.50
CA SER A 90 -6.06 6.30 -1.76
C SER A 90 -7.20 5.45 -2.31
N ILE A 91 -8.30 6.11 -2.57
CA ILE A 91 -9.57 5.49 -2.99
C ILE A 91 -10.01 6.11 -4.33
N LEU A 92 -10.54 5.28 -5.20
CA LEU A 92 -11.17 5.73 -6.46
C LEU A 92 -12.62 6.13 -6.21
N PHE A 93 -12.97 7.35 -6.64
CA PHE A 93 -14.33 7.93 -6.50
C PHE A 93 -14.90 8.13 -7.90
N GLU A 94 -16.16 7.78 -8.07
CA GLU A 94 -16.94 8.03 -9.30
C GLU A 94 -17.73 9.32 -9.09
N LYS A 95 -17.83 10.13 -10.12
CA LYS A 95 -18.61 11.38 -10.05
C LYS A 95 -20.11 11.06 -10.01
N VAL A 96 -20.80 11.66 -9.04
CA VAL A 96 -22.26 11.51 -8.75
C VAL A 96 -23.03 12.67 -9.39
N GLY A 97 -22.49 13.86 -9.20
CA GLY A 97 -23.08 15.10 -9.70
C GLY A 97 -22.08 16.22 -9.69
N GLU A 98 -22.55 17.44 -9.93
CA GLU A 98 -21.66 18.62 -9.90
C GLU A 98 -20.93 18.60 -8.55
N ASN A 99 -19.61 18.56 -8.60
CA ASN A 99 -18.76 18.79 -7.41
C ASN A 99 -18.98 17.64 -6.40
N ARG A 100 -19.49 16.49 -6.82
CA ARG A 100 -19.85 15.40 -5.89
C ARG A 100 -19.37 14.03 -6.40
N TYR A 101 -18.68 13.29 -5.55
CA TYR A 101 -18.05 12.00 -5.87
C TYR A 101 -18.38 10.98 -4.77
N ARG A 102 -18.41 9.69 -5.13
CA ARG A 102 -18.68 8.60 -4.16
C ARG A 102 -17.64 7.51 -4.35
N ARG A 103 -17.20 6.88 -3.27
CA ARG A 103 -16.26 5.74 -3.38
C ARG A 103 -16.86 4.68 -4.32
N HIS A 104 -16.10 4.27 -5.35
CA HIS A 104 -16.53 3.18 -6.25
C HIS A 104 -16.21 1.85 -5.59
N PRO A 105 -17.22 1.07 -5.18
CA PRO A 105 -16.96 -0.14 -4.40
C PRO A 105 -16.18 -1.25 -5.12
N ALA A 106 -16.25 -1.31 -6.46
CA ALA A 106 -15.58 -2.39 -7.21
C ALA A 106 -14.05 -2.20 -7.13
N SER A 107 -13.57 -0.97 -7.06
CA SER A 107 -12.11 -0.69 -7.10
C SER A 107 -11.44 -1.21 -5.83
N ILE A 108 -10.24 -1.73 -5.97
CA ILE A 108 -9.37 -1.91 -4.79
C ILE A 108 -8.91 -0.51 -4.35
N THR A 109 -8.41 -0.45 -3.13
CA THR A 109 -7.81 0.75 -2.55
C THR A 109 -6.30 0.58 -2.51
N TYR A 110 -5.58 1.69 -2.32
CA TYR A 110 -4.10 1.70 -2.35
C TYR A 110 -3.64 2.31 -1.02
N ASN A 111 -2.64 1.67 -0.42
CA ASN A 111 -2.08 2.14 0.85
C ASN A 111 -1.06 3.26 0.57
N LEU A 112 -1.57 4.39 0.08
CA LEU A 112 -0.75 5.49 -0.47
C LEU A 112 -1.35 6.84 -0.08
N GLU A 113 -0.48 7.83 -0.01
CA GLU A 113 -0.82 9.26 0.06
C GLU A 113 -0.75 9.87 -1.34
N ASN A 114 -1.52 10.95 -1.51
CA ASN A 114 -1.32 11.92 -2.61
C ASN A 114 -1.33 11.22 -3.97
N PRO A 115 -2.45 10.57 -4.34
CA PRO A 115 -2.53 9.84 -5.60
C PRO A 115 -2.48 10.76 -6.82
N PHE A 116 -1.94 10.23 -7.91
CA PHE A 116 -1.84 10.99 -9.17
C PHE A 116 -1.92 10.04 -10.36
N VAL A 117 -2.39 10.56 -11.48
CA VAL A 117 -2.59 9.78 -12.73
C VAL A 117 -1.98 10.55 -13.91
N VAL A 118 -1.66 9.79 -14.93
CA VAL A 118 -1.22 10.34 -16.24
C VAL A 118 -1.46 9.24 -17.27
N LYS A 119 -1.63 9.60 -18.53
CA LYS A 119 -1.68 8.62 -19.63
C LYS A 119 -0.29 8.51 -20.24
N ILE A 120 0.20 7.28 -20.35
CA ILE A 120 1.46 6.88 -21.03
C ILE A 120 1.12 5.67 -21.95
N HIS A 121 1.50 5.82 -23.24
CA HIS A 121 1.41 4.76 -24.26
C HIS A 121 0.05 4.06 -24.13
N GLY A 122 -1.03 4.84 -24.05
CA GLY A 122 -2.40 4.34 -24.18
C GLY A 122 -2.93 3.71 -22.91
N GLU A 123 -2.22 3.80 -21.80
CA GLU A 123 -2.72 3.24 -20.52
C GLU A 123 -2.52 4.23 -19.37
N MET A 124 -3.17 3.96 -18.25
CA MET A 124 -3.01 4.76 -17.02
C MET A 124 -1.70 4.37 -16.34
N VAL A 125 -0.97 5.38 -15.92
CA VAL A 125 0.07 5.26 -14.87
C VAL A 125 -0.44 6.00 -13.64
N PHE A 126 -0.54 5.24 -12.54
CA PHE A 126 -1.09 5.72 -11.26
C PHE A 126 0.05 5.66 -10.25
N GLY A 127 0.14 6.67 -9.41
CA GLY A 127 1.18 6.67 -8.38
C GLY A 127 0.69 7.25 -7.09
N GLY A 128 1.51 7.06 -6.06
CA GLY A 128 1.30 7.73 -4.78
C GLY A 128 2.44 7.40 -3.86
N THR A 129 2.43 7.99 -2.67
CA THR A 129 3.53 7.84 -1.71
C THR A 129 3.19 6.70 -0.75
N HIS A 130 4.08 5.72 -0.67
CA HIS A 130 3.97 4.61 0.29
C HIS A 130 4.88 4.93 1.48
N VAL A 131 4.27 5.05 2.65
CA VAL A 131 4.97 5.45 3.90
C VAL A 131 5.34 4.16 4.67
N THR A 132 6.59 4.10 5.11
CA THR A 132 7.08 3.08 6.05
C THR A 132 7.24 3.73 7.43
N LYS A 133 6.79 2.99 8.45
CA LYS A 133 6.96 3.40 9.85
C LYS A 133 7.81 2.37 10.57
N ASN A 134 8.36 2.80 11.69
CA ASN A 134 9.13 1.95 12.62
C ASN A 134 8.57 2.28 14.01
N GLY A 135 7.81 1.37 14.61
CA GLY A 135 7.26 1.61 15.95
C GLY A 135 6.41 2.87 16.00
N GLY A 136 5.59 3.11 14.94
CA GLY A 136 4.63 4.21 14.91
C GLY A 136 5.19 5.48 14.30
N LYS A 137 6.52 5.58 14.13
CA LYS A 137 7.23 6.79 13.65
C LYS A 137 7.55 6.65 12.17
N VAL A 138 7.34 7.68 11.37
CA VAL A 138 7.70 7.60 9.94
C VAL A 138 9.21 7.37 9.84
N SER A 139 9.63 6.38 9.06
CA SER A 139 11.07 6.06 8.87
C SER A 139 11.46 6.19 7.40
N ASP A 140 10.51 6.11 6.47
CA ASP A 140 10.84 6.15 5.03
C ASP A 140 9.56 6.42 4.24
N TYR A 141 9.72 6.84 3.02
CA TYR A 141 8.59 6.95 2.08
C TYR A 141 9.17 6.95 0.68
N ARG A 142 8.42 6.37 -0.24
CA ARG A 142 8.80 6.37 -1.64
C ARG A 142 7.53 6.35 -2.49
N CYS A 143 7.72 6.82 -3.70
CA CYS A 143 6.65 6.82 -4.72
CA CYS A 143 6.64 6.82 -4.70
C CYS A 143 6.50 5.41 -5.30
N GLU A 144 5.28 4.89 -5.32
CA GLU A 144 4.94 3.62 -5.98
C GLU A 144 4.13 3.91 -7.25
N PHE A 145 4.46 3.21 -8.31
CA PHE A 145 3.84 3.32 -9.65
C PHE A 145 3.15 2.01 -10.03
N TYR A 146 1.94 2.19 -10.53
CA TYR A 146 1.06 1.16 -11.09
C TYR A 146 0.77 1.53 -12.54
N HIS A 147 0.46 0.54 -13.36
CA HIS A 147 -0.02 0.79 -14.73
C HIS A 147 -1.11 -0.19 -15.12
N GLY A 148 -1.94 0.23 -16.07
CA GLY A 148 -3.03 -0.59 -16.63
C GLY A 148 -4.24 0.27 -16.93
N THR A 149 -5.41 -0.31 -16.72
CA THR A 149 -6.71 0.39 -16.84
C THR A 149 -7.18 0.74 -15.43
N PRO A 150 -8.08 1.72 -15.27
CA PRO A 150 -8.35 2.29 -13.96
C PRO A 150 -8.83 1.31 -12.88
N PHE A 151 -9.54 0.24 -13.25
CA PHE A 151 -9.99 -0.81 -12.29
C PHE A 151 -9.09 -2.03 -12.38
N ASN A 152 -7.94 -1.93 -13.07
CA ASN A 152 -7.03 -3.09 -13.18
C ASN A 152 -5.61 -2.55 -13.24
N LEU A 153 -5.16 -1.95 -12.14
CA LEU A 153 -3.82 -1.33 -12.03
C LEU A 153 -2.87 -2.33 -11.41
N LYS A 154 -1.67 -2.41 -11.96
CA LYS A 154 -0.61 -3.38 -11.61
C LYS A 154 0.63 -2.62 -11.18
N TYR A 155 1.11 -2.93 -9.98
CA TYR A 155 2.31 -2.31 -9.36
C TYR A 155 3.55 -2.78 -10.11
N PHE A 156 4.40 -1.85 -10.55
CA PHE A 156 5.62 -2.25 -11.28
C PHE A 156 6.91 -1.59 -10.77
N SER A 157 6.87 -0.49 -10.03
CA SER A 157 8.15 0.11 -9.59
C SER A 157 7.95 1.11 -8.46
N SER A 158 8.98 1.29 -7.69
CA SER A 158 9.09 2.40 -6.71
C SER A 158 10.26 3.31 -7.06
N GLY A 159 10.11 4.59 -6.74
CA GLY A 159 11.21 5.55 -6.80
C GLY A 159 12.15 5.39 -5.62
N PRO A 160 13.20 6.25 -5.56
CA PRO A 160 14.16 6.22 -4.47
C PRO A 160 13.57 6.62 -3.13
N SER A 161 14.21 6.15 -2.06
CA SER A 161 13.90 6.52 -0.67
C SER A 161 13.82 8.05 -0.54
N LYS A 162 12.72 8.51 0.05
CA LYS A 162 12.46 9.90 0.50
C LYS A 162 12.29 10.85 -0.70
N MET A 163 11.90 10.33 -1.86
CA MET A 163 11.56 11.19 -3.02
C MET A 163 10.07 11.07 -3.35
N LYS A 164 9.27 12.05 -2.93
CA LYS A 164 7.80 12.04 -3.14
C LYS A 164 7.39 12.45 -4.54
N ASP A 165 7.97 13.50 -5.06
CA ASP A 165 7.26 14.19 -6.17
C ASP A 165 7.99 13.79 -7.45
N ILE A 166 7.62 12.61 -7.96
CA ILE A 166 8.09 12.09 -9.27
C ILE A 166 6.89 12.11 -10.20
N ARG A 167 7.02 12.75 -11.36
CA ARG A 167 5.88 12.85 -12.31
CA ARG A 167 5.88 12.85 -12.30
C ARG A 167 6.34 12.45 -13.72
N LEU A 168 5.45 11.80 -14.43
CA LEU A 168 5.70 11.29 -15.79
C LEU A 168 4.86 12.10 -16.79
N VAL A 169 5.31 12.07 -18.05
CA VAL A 169 4.53 12.62 -19.18
C VAL A 169 5.01 11.92 -20.46
N GLU A 170 4.11 11.71 -21.41
CA GLU A 170 4.50 11.22 -22.75
C GLU A 170 4.89 12.44 -23.58
N LEU A 171 6.13 12.45 -24.03
CA LEU A 171 6.70 13.56 -24.81
C LEU A 171 6.19 13.53 -26.24
N ALA A 172 6.42 14.62 -26.97
CA ALA A 172 5.99 14.75 -28.36
C ALA A 172 6.62 13.62 -29.19
N ASP A 173 7.82 13.16 -28.85
CA ASP A 173 8.54 12.12 -29.64
C ASP A 173 8.15 10.70 -29.21
N GLY A 174 7.22 10.56 -28.25
CA GLY A 174 6.75 9.23 -27.80
C GLY A 174 7.60 8.65 -26.69
N LYS A 175 8.69 9.33 -26.31
CA LYS A 175 9.49 8.95 -25.13
C LYS A 175 8.69 9.38 -23.89
N ILE A 176 9.15 8.90 -22.73
CA ILE A 176 8.54 9.21 -21.44
C ILE A 176 9.47 10.17 -20.71
N GLY A 177 8.94 11.34 -20.36
CA GLY A 177 9.62 12.34 -19.51
C GLY A 177 9.36 12.08 -18.05
N ILE A 178 10.38 12.27 -17.24
CA ILE A 178 10.34 12.02 -15.78
C ILE A 178 10.88 13.27 -15.11
N PHE A 179 10.07 13.89 -14.25
CA PHE A 179 10.51 14.96 -13.32
C PHE A 179 10.77 14.33 -11.96
N THR A 180 11.87 14.75 -11.35
CA THR A 180 12.39 14.27 -10.06
C THR A 180 12.58 15.45 -9.14
N HIS A 181 12.70 15.19 -7.84
CA HIS A 181 12.97 16.24 -6.82
C HIS A 181 13.99 15.70 -5.84
N PHE A 182 15.19 16.29 -5.84
CA PHE A 182 16.37 15.86 -5.03
C PHE A 182 16.40 16.61 -3.69
N LEU A 189 15.79 20.77 -5.42
CA LEU A 189 16.18 20.81 -6.86
C LEU A 189 15.36 19.80 -7.68
N THR A 190 14.76 20.26 -8.79
CA THR A 190 14.02 19.42 -9.74
C THR A 190 14.97 18.91 -10.85
N GLY A 191 14.85 17.62 -11.17
CA GLY A 191 15.58 16.99 -12.28
C GLY A 191 14.65 16.52 -13.37
N PHE A 192 15.18 16.21 -14.54
CA PHE A 192 14.41 15.66 -15.68
C PHE A 192 15.24 14.63 -16.43
N THR A 193 14.61 13.53 -16.81
CA THR A 193 15.24 12.50 -17.66
C THR A 193 14.15 11.82 -18.50
N THR A 194 14.56 10.92 -19.40
CA THR A 194 13.63 10.22 -20.31
C THR A 194 13.93 8.72 -20.30
N ILE A 195 12.89 7.94 -20.58
CA ILE A 195 12.97 6.48 -20.82
C ILE A 195 12.09 6.16 -22.02
N ASP A 196 12.22 4.94 -22.55
CA ASP A 196 11.49 4.50 -23.76
C ASP A 196 10.15 3.88 -23.37
N LYS A 197 10.11 3.11 -22.29
CA LYS A 197 8.92 2.28 -21.95
C LYS A 197 8.77 2.26 -20.43
N VAL A 198 7.54 2.04 -19.94
CA VAL A 198 7.32 2.54 -18.54
C VAL A 198 8.06 1.60 -17.56
N GLU A 199 8.29 0.34 -17.94
CA GLU A 199 8.98 -0.74 -17.19
CA GLU A 199 8.90 -0.60 -16.96
C GLU A 199 10.42 -0.32 -16.87
N ASP A 200 10.91 0.68 -17.56
CA ASP A 200 12.34 1.13 -17.52
C ASP A 200 12.49 2.17 -16.40
N LEU A 201 11.40 2.49 -15.71
CA LEU A 201 11.40 3.44 -14.58
C LEU A 201 12.03 2.76 -13.36
N THR A 202 13.30 3.06 -13.11
CA THR A 202 14.11 2.48 -12.01
C THR A 202 14.65 3.59 -11.12
N VAL A 203 15.07 3.21 -9.91
CA VAL A 203 15.77 4.11 -8.96
C VAL A 203 16.99 4.73 -9.67
N GLU A 204 17.69 3.93 -10.47
CA GLU A 204 18.96 4.32 -11.12
C GLU A 204 18.65 5.44 -12.12
N VAL A 205 17.63 5.26 -12.95
CA VAL A 205 17.24 6.29 -13.95
C VAL A 205 16.87 7.57 -13.22
N ILE A 206 16.04 7.46 -12.20
CA ILE A 206 15.50 8.65 -11.49
C ILE A 206 16.68 9.38 -10.85
N ASN A 207 17.56 8.67 -10.16
CA ASN A 207 18.70 9.28 -9.42
C ASN A 207 19.70 9.94 -10.37
N SER A 208 19.78 9.53 -11.63
CA SER A 208 20.76 10.09 -12.60
CA SER A 208 20.74 10.07 -12.63
C SER A 208 20.16 11.27 -13.39
N ALA A 209 18.92 11.67 -13.10
CA ALA A 209 18.27 12.78 -13.83
C ALA A 209 19.15 14.04 -13.76
N LYS A 210 19.25 14.75 -14.88
CA LYS A 210 19.95 16.06 -14.99
C LYS A 210 19.08 17.14 -14.31
N LEU A 211 19.69 18.11 -13.63
CA LEU A 211 18.94 19.21 -12.96
C LEU A 211 18.37 20.20 -14.01
N ILE A 212 17.12 20.63 -13.82
CA ILE A 212 16.45 21.68 -14.65
C ILE A 212 16.95 23.04 -14.17
N ASN A 213 16.69 24.05 -14.98
CA ASN A 213 17.04 25.46 -14.64
C ASN A 213 16.31 25.87 -13.36
N HIS A 214 17.08 26.00 -12.27
CA HIS A 214 16.57 26.27 -10.90
C HIS A 214 16.31 27.78 -10.70
N ARG A 215 16.89 28.65 -11.54
CA ARG A 215 17.01 30.09 -11.20
C ARG A 215 15.64 30.75 -11.05
N PRO A 216 14.62 30.42 -11.89
CA PRO A 216 13.27 30.98 -11.71
C PRO A 216 12.66 30.74 -10.31
N PHE A 217 12.99 29.61 -9.68
CA PHE A 217 12.30 29.08 -8.48
C PHE A 217 12.83 29.75 -7.21
N GLY A 218 14.03 30.34 -7.27
CA GLY A 218 14.71 30.89 -6.09
C GLY A 218 14.87 29.84 -5.00
N ASP A 219 14.61 30.22 -3.75
CA ASP A 219 14.89 29.34 -2.57
C ASP A 219 13.58 28.72 -2.05
N ALA A 220 12.54 28.65 -2.87
CA ALA A 220 11.26 28.00 -2.47
C ALA A 220 11.44 26.47 -2.46
N TRP A 221 10.80 25.77 -1.51
CA TRP A 221 10.71 24.30 -1.53
C TRP A 221 9.62 23.98 -2.56
N GLY A 222 9.77 22.91 -3.33
CA GLY A 222 8.65 22.53 -4.19
C GLY A 222 8.98 21.42 -5.11
N GLY A 223 7.97 21.02 -5.86
CA GLY A 223 7.98 19.75 -6.57
C GLY A 223 6.97 19.73 -7.72
N PRO A 224 7.21 18.80 -8.65
CA PRO A 224 6.31 18.66 -9.80
C PRO A 224 4.96 18.12 -9.32
N SER A 225 3.92 18.60 -9.96
CA SER A 225 2.58 18.01 -9.91
C SER A 225 2.30 17.62 -11.36
N GLN A 226 1.09 17.76 -11.81
CA GLN A 226 0.66 17.23 -13.11
C GLN A 226 1.45 17.91 -14.25
N VAL A 227 1.94 17.10 -15.17
CA VAL A 227 2.66 17.59 -16.38
C VAL A 227 1.82 17.29 -17.62
N TYR A 228 1.79 18.24 -18.53
CA TYR A 228 0.99 18.19 -19.77
C TYR A 228 1.92 18.42 -20.96
N LEU A 229 1.63 17.70 -22.03
CA LEU A 229 2.28 17.99 -23.33
C LEU A 229 1.51 19.12 -24.01
N LEU A 230 2.22 20.12 -24.53
CA LEU A 230 1.62 21.24 -25.26
C LEU A 230 1.82 21.06 -26.77
N SER A 231 1.01 21.73 -27.56
CA SER A 231 1.01 21.63 -29.04
C SER A 231 2.35 22.12 -29.61
N SER A 232 3.07 22.97 -28.88
CA SER A 232 4.41 23.51 -29.21
C SER A 232 5.50 22.45 -29.02
N GLY A 233 5.17 21.34 -28.36
CA GLY A 233 6.17 20.30 -28.00
C GLY A 233 6.82 20.60 -26.66
N LEU A 234 6.53 21.76 -26.07
CA LEU A 234 6.96 22.08 -24.71
C LEU A 234 6.07 21.36 -23.70
N LEU A 235 6.52 21.34 -22.44
CA LEU A 235 5.75 20.74 -21.33
C LEU A 235 5.16 21.83 -20.45
N GLY A 236 3.87 21.72 -20.17
CA GLY A 236 3.20 22.58 -19.18
C GLY A 236 3.25 21.88 -17.84
N CYS A 237 3.93 22.46 -16.85
CA CYS A 237 4.11 21.85 -15.51
C CYS A 237 3.26 22.61 -14.48
N ILE A 238 2.35 21.91 -13.82
CA ILE A 238 1.71 22.40 -12.58
C ILE A 238 2.58 21.90 -11.43
N SER A 239 2.84 22.76 -10.46
CA SER A 239 3.81 22.46 -9.39
C SER A 239 3.28 22.98 -8.06
N HIS A 240 3.90 22.52 -6.97
CA HIS A 240 3.70 23.14 -5.65
C HIS A 240 5.01 23.79 -5.24
N HIS A 241 4.93 24.99 -4.70
CA HIS A 241 6.10 25.71 -4.13
C HIS A 241 5.68 26.33 -2.82
N GLY A 242 6.60 26.42 -1.87
CA GLY A 242 6.31 27.09 -0.61
C GLY A 242 7.52 27.28 0.24
N TYR A 243 7.28 27.48 1.53
CA TYR A 243 8.29 28.02 2.47
C TYR A 243 7.68 28.04 3.86
N LEU A 244 8.56 28.17 4.84
CA LEU A 244 8.20 28.41 6.25
C LEU A 244 8.06 29.92 6.46
N LEU A 245 6.95 30.33 7.08
CA LEU A 245 6.71 31.74 7.47
C LEU A 245 6.62 31.80 8.99
N ASP A 246 7.55 32.50 9.65
CA ASP A 246 7.39 32.88 11.07
C ASP A 246 6.48 34.12 11.12
N GLN A 247 5.55 34.15 12.08
CA GLN A 247 4.57 35.23 12.31
C GLN A 247 4.93 35.92 13.64
N LYS A 248 5.00 37.26 13.63
CA LYS A 248 5.49 38.10 14.76
C LYS A 248 5.08 37.45 16.09
N ASP A 249 3.77 37.36 16.33
CA ASP A 249 3.16 36.74 17.53
C ASP A 249 2.67 35.33 17.19
N GLY A 250 2.22 35.11 15.95
CA GLY A 250 1.60 33.84 15.51
C GLY A 250 2.60 32.70 15.46
N ILE A 251 2.09 31.50 15.21
CA ILE A 251 2.90 30.25 15.02
C ILE A 251 3.46 30.21 13.60
N GLN A 252 4.34 29.25 13.34
CA GLN A 252 5.05 29.10 12.04
C GLN A 252 4.13 28.42 11.02
N LEU A 253 3.95 29.00 9.83
CA LEU A 253 3.08 28.38 8.80
C LEU A 253 3.97 27.66 7.80
N ARG A 254 3.52 26.51 7.28
CA ARG A 254 4.16 25.92 6.08
C ARG A 254 3.28 26.34 4.90
N ILE A 255 3.68 27.37 4.15
CA ILE A 255 2.93 27.83 2.96
C ILE A 255 3.13 26.76 1.88
N TYR A 256 2.05 26.37 1.21
CA TYR A 256 2.09 25.71 -0.11
C TYR A 256 1.22 26.54 -1.01
N ALA A 257 1.76 26.93 -2.16
CA ALA A 257 1.06 27.65 -3.24
C ALA A 257 1.04 26.76 -4.48
N CYS A 258 0.02 26.92 -5.30
CA CYS A 258 -0.12 26.27 -6.61
C CYS A 258 0.66 27.13 -7.63
N THR A 259 1.57 26.51 -8.36
CA THR A 259 2.45 27.22 -9.32
C THR A 259 2.41 26.51 -10.67
N SER A 260 2.92 27.18 -11.70
CA SER A 260 3.05 26.58 -13.03
C SER A 260 4.31 27.10 -13.69
N PHE A 261 4.82 26.33 -14.63
CA PHE A 261 5.89 26.80 -15.54
C PHE A 261 5.82 25.97 -16.80
N VAL A 262 6.54 26.43 -17.80
CA VAL A 262 6.67 25.74 -19.12
C VAL A 262 8.12 25.29 -19.23
N PHE A 263 8.34 24.08 -19.71
CA PHE A 263 9.65 23.43 -19.70
C PHE A 263 9.98 22.96 -21.10
N ASP A 264 11.22 23.24 -21.54
CA ASP A 264 11.74 22.77 -22.84
C ASP A 264 12.60 21.53 -22.60
N PRO A 265 12.11 20.33 -22.96
CA PRO A 265 12.88 19.11 -22.68
C PRO A 265 14.21 19.03 -23.46
N ALA A 266 14.36 19.81 -24.52
CA ALA A 266 15.60 19.77 -25.33
C ALA A 266 16.72 20.53 -24.61
N THR A 267 16.40 21.62 -23.92
CA THR A 267 17.42 22.55 -23.33
C THR A 267 17.41 22.56 -21.80
N TYR A 268 16.35 22.03 -21.17
CA TYR A 268 16.13 22.04 -19.70
C TYR A 268 15.78 23.46 -19.24
N GLU A 269 15.41 24.35 -20.18
CA GLU A 269 15.02 25.74 -19.84
C GLU A 269 13.59 25.79 -19.29
N VAL A 270 13.36 26.75 -18.39
CA VAL A 270 12.07 27.01 -17.72
C VAL A 270 11.60 28.39 -18.16
N TYR A 271 10.33 28.49 -18.52
CA TYR A 271 9.64 29.75 -18.93
C TYR A 271 8.41 29.98 -18.04
N ASN A 272 8.06 31.24 -17.83
CA ASN A 272 6.68 31.60 -17.39
C ASN A 272 6.38 31.00 -16.01
N PHE A 273 7.36 30.98 -15.09
CA PHE A 273 7.12 30.49 -13.70
C PHE A 273 6.21 31.47 -13.00
N LYS A 274 5.13 30.98 -12.42
CA LYS A 274 4.21 31.88 -11.72
C LYS A 274 3.38 31.16 -10.67
N ILE A 275 2.82 31.94 -9.78
CA ILE A 275 1.77 31.48 -8.82
C ILE A 275 0.44 31.49 -9.54
N ILE A 276 -0.35 30.43 -9.38
CA ILE A 276 -1.71 30.35 -10.03
C ILE A 276 -2.80 30.06 -9.02
N GLY A 277 -2.45 29.74 -7.77
CA GLY A 277 -3.47 29.49 -6.73
C GLY A 277 -2.88 29.52 -5.34
N THR A 278 -3.68 29.97 -4.37
CA THR A 278 -3.34 29.93 -2.94
C THR A 278 -4.59 29.53 -2.16
N LYS A 279 -4.40 29.06 -0.94
CA LYS A 279 -5.52 28.48 -0.15
C LYS A 279 -6.65 29.51 -0.04
N GLY A 280 -6.33 30.78 0.18
CA GLY A 280 -7.33 31.85 0.38
C GLY A 280 -8.23 32.09 -0.82
N CYS A 281 -7.84 31.59 -2.00
CA CYS A 281 -8.64 31.68 -3.26
C CYS A 281 -9.81 30.70 -3.20
N PHE A 282 -9.63 29.60 -2.47
CA PHE A 282 -10.61 28.49 -2.41
C PHE A 282 -11.65 28.83 -1.34
N PRO A 283 -12.79 28.14 -1.32
CA PRO A 283 -13.77 28.38 -0.25
C PRO A 283 -13.13 28.06 1.09
N PRO A 284 -13.60 28.72 2.17
CA PRO A 284 -12.99 28.53 3.48
C PRO A 284 -13.07 27.07 3.98
N CYS A 285 -12.02 26.65 4.68
CA CYS A 285 -12.05 25.36 5.41
C CYS A 285 -10.96 25.40 6.48
N GLU A 286 -11.34 25.03 7.68
CA GLU A 286 -10.45 24.94 8.85
C GLU A 286 -9.37 23.91 8.54
N PRO A 287 -8.09 24.31 8.62
CA PRO A 287 -7.01 23.40 8.25
C PRO A 287 -6.89 22.26 9.26
N LYS A 288 -6.23 21.20 8.84
CA LYS A 288 -6.07 19.97 9.65
C LYS A 288 -5.36 20.31 10.98
N LEU A 289 -4.35 21.17 10.91
CA LEU A 289 -3.65 21.76 12.07
C LEU A 289 -3.35 23.20 11.71
N PRO A 290 -3.19 24.08 12.71
CA PRO A 290 -3.02 25.52 12.45
C PRO A 290 -1.87 25.90 11.50
N HIS A 291 -0.80 25.12 11.44
CA HIS A 291 0.38 25.46 10.58
C HIS A 291 0.00 25.34 9.10
N LEU A 292 -1.16 24.77 8.77
CA LEU A 292 -1.60 24.55 7.37
C LEU A 292 -2.69 25.55 6.99
N ALA A 293 -2.81 26.66 7.72
CA ALA A 293 -3.80 27.72 7.41
C ALA A 293 -3.54 28.38 6.04
N ASP A 294 -2.37 28.22 5.44
CA ASP A 294 -2.09 28.77 4.07
C ASP A 294 -1.42 27.67 3.24
N CYS A 295 -2.01 26.47 3.28
CA CYS A 295 -1.58 25.29 2.50
C CYS A 295 -2.60 24.91 1.44
N ALA A 296 -2.23 25.12 0.18
CA ALA A 296 -2.94 24.55 -1.00
C ALA A 296 -1.95 23.62 -1.70
N PHE A 297 -2.19 22.32 -1.63
CA PHE A 297 -1.30 21.29 -2.23
C PHE A 297 -1.93 20.85 -3.55
N VAL A 298 -1.39 21.38 -4.65
CA VAL A 298 -2.08 21.37 -5.96
C VAL A 298 -2.28 19.93 -6.44
N SER A 299 -3.34 19.72 -7.21
CA SER A 299 -3.66 18.44 -7.90
C SER A 299 -3.40 18.57 -9.40
N GLY A 300 -3.87 19.65 -10.03
CA GLY A 300 -3.68 19.90 -11.46
C GLY A 300 -4.81 20.68 -12.07
N ILE A 301 -4.79 20.79 -13.39
CA ILE A 301 -5.83 21.55 -14.14
C ILE A 301 -6.62 20.64 -15.07
N GLU A 302 -7.83 21.11 -15.33
CA GLU A 302 -8.80 20.55 -16.28
C GLU A 302 -9.27 21.70 -17.18
N MET A 303 -9.15 21.57 -18.49
CA MET A 303 -9.66 22.58 -19.44
C MET A 303 -11.18 22.62 -19.37
N ARG A 304 -11.75 23.81 -19.51
CA ARG A 304 -13.21 24.04 -19.60
C ARG A 304 -13.54 24.39 -21.06
N ASN A 305 -14.80 24.26 -21.45
CA ASN A 305 -15.26 24.60 -22.82
C ASN A 305 -15.01 26.09 -23.10
N ASP A 306 -15.08 26.93 -22.07
CA ASP A 306 -14.92 28.41 -22.18
C ASP A 306 -13.44 28.81 -22.29
N GLY A 307 -12.50 27.86 -22.29
CA GLY A 307 -11.05 28.13 -22.49
C GLY A 307 -10.35 28.47 -21.19
N LYS A 308 -11.09 28.63 -20.10
CA LYS A 308 -10.48 28.74 -18.75
CA LYS A 308 -10.48 28.74 -18.75
C LYS A 308 -10.18 27.34 -18.25
N CYS A 309 -9.63 27.23 -17.05
CA CYS A 309 -9.27 25.94 -16.41
CA CYS A 309 -9.45 25.87 -16.48
C CYS A 309 -9.87 25.84 -15.02
N ASN A 310 -10.21 24.64 -14.60
CA ASN A 310 -10.43 24.29 -13.18
C ASN A 310 -9.08 23.89 -12.60
N LEU A 311 -8.61 24.63 -11.63
CA LEU A 311 -7.38 24.28 -10.87
C LEU A 311 -7.82 23.54 -9.61
N TYR A 312 -7.58 22.23 -9.59
CA TYR A 312 -7.87 21.38 -8.42
C TYR A 312 -6.69 21.42 -7.46
N SER A 313 -7.01 21.49 -6.18
CA SER A 313 -5.98 21.50 -5.11
C SER A 313 -6.54 20.86 -3.84
N GLY A 314 -5.69 20.13 -3.14
CA GLY A 314 -5.91 19.87 -1.72
C GLY A 314 -5.82 21.19 -0.97
N ILE A 315 -6.69 21.40 0.02
CA ILE A 315 -6.64 22.64 0.82
C ILE A 315 -6.65 22.29 2.30
N GLY A 316 -5.66 22.81 3.01
CA GLY A 316 -5.52 22.68 4.47
C GLY A 316 -5.36 21.25 4.92
N ASP A 317 -5.03 20.34 3.98
CA ASP A 317 -4.95 18.87 4.25
C ASP A 317 -6.31 18.38 4.82
N VAL A 318 -7.42 19.00 4.42
CA VAL A 318 -8.76 18.53 4.88
C VAL A 318 -9.75 18.38 3.73
N ALA A 319 -9.56 19.08 2.62
CA ALA A 319 -10.58 19.10 1.56
C ALA A 319 -9.91 19.18 0.19
N GLU A 320 -10.73 18.96 -0.84
CA GLU A 320 -10.35 19.20 -2.24
C GLU A 320 -11.28 20.27 -2.79
N GLY A 321 -10.71 21.26 -3.45
CA GLY A 321 -11.53 22.27 -4.15
C GLY A 321 -10.96 22.57 -5.53
N TYR A 322 -11.65 23.43 -6.25
CA TYR A 322 -11.07 24.02 -7.46
C TYR A 322 -11.40 25.50 -7.49
N ILE A 323 -10.53 26.22 -8.18
CA ILE A 323 -10.80 27.62 -8.59
C ILE A 323 -10.76 27.66 -10.11
N VAL A 324 -11.55 28.55 -10.67
CA VAL A 324 -11.59 28.75 -12.15
C VAL A 324 -10.63 29.89 -12.47
N ILE A 325 -9.61 29.59 -13.27
CA ILE A 325 -8.47 30.49 -13.53
C ILE A 325 -8.27 30.60 -15.04
N ASP A 326 -7.51 31.62 -15.43
CA ASP A 326 -7.02 31.71 -16.81
C ASP A 326 -6.10 30.51 -17.09
N TYR A 327 -6.11 30.04 -18.31
CA TYR A 327 -5.22 28.94 -18.74
C TYR A 327 -3.79 29.33 -18.45
N PRO A 328 -3.07 28.62 -17.56
CA PRO A 328 -1.75 29.09 -17.14
C PRO A 328 -0.61 28.97 -18.15
N PHE A 329 -0.82 28.21 -19.22
CA PHE A 329 0.21 28.04 -20.28
C PHE A 329 -0.15 28.88 -21.50
N GLU A 330 -1.05 29.87 -21.35
CA GLU A 330 -1.49 30.72 -22.48
C GLU A 330 -0.27 31.28 -23.18
N GLY A 331 -0.19 31.07 -24.50
CA GLY A 331 0.90 31.62 -25.31
C GLY A 331 1.97 30.60 -25.60
N TYR A 332 1.96 29.44 -24.95
CA TYR A 332 3.00 28.39 -25.14
C TYR A 332 2.41 27.13 -25.78
N GLY A 333 1.15 27.19 -26.20
CA GLY A 333 0.47 26.06 -26.85
C GLY A 333 -0.66 25.47 -26.02
N LYS A 334 -1.51 24.73 -26.71
CA LYS A 334 -2.70 24.05 -26.17
C LYS A 334 -2.25 22.73 -25.55
N ILE A 335 -2.91 22.28 -24.48
CA ILE A 335 -2.68 20.92 -23.96
C ILE A 335 -3.14 19.92 -25.03
N VAL A 336 -2.27 18.96 -25.35
CA VAL A 336 -2.62 17.89 -26.30
C VAL A 336 -2.54 16.52 -25.62
N SER A 337 -2.00 16.43 -24.40
CA SER A 337 -2.11 15.19 -23.62
C SER A 337 -3.56 15.07 -23.13
N ASP A 338 -3.96 13.90 -22.65
CA ASP A 338 -5.35 13.70 -22.17
C ASP A 338 -5.32 12.72 -21.00
N VAL A 339 -6.41 12.69 -20.24
CA VAL A 339 -6.69 11.61 -19.26
C VAL A 339 -8.07 11.03 -19.59
N ALA A 340 -8.33 10.82 -20.88
CA ALA A 340 -9.54 10.14 -21.37
C ALA A 340 -9.20 8.67 -21.62
N PHE A 341 -9.41 7.84 -20.61
CA PHE A 341 -8.98 6.42 -20.62
C PHE A 341 -10.07 5.53 -21.22
N ALA B 34 12.58 -33.97 7.30
CA ALA B 34 13.44 -34.52 6.22
C ALA B 34 12.61 -35.50 5.37
N LYS B 35 12.63 -36.79 5.69
CA LYS B 35 11.73 -37.83 5.11
C LYS B 35 10.95 -38.50 6.25
N GLU B 36 9.84 -37.86 6.65
CA GLU B 36 8.81 -38.40 7.59
C GLU B 36 7.95 -39.47 6.89
N ALA B 37 7.01 -40.08 7.63
CA ALA B 37 6.09 -41.15 7.17
C ALA B 37 4.62 -40.74 7.47
N PHE B 38 4.22 -39.55 6.99
CA PHE B 38 2.86 -38.96 7.21
C PHE B 38 1.94 -39.28 6.02
N GLU B 39 2.46 -39.37 4.78
CA GLU B 39 1.70 -39.87 3.60
C GLU B 39 1.52 -41.39 3.74
N LYS B 43 -4.37 -39.31 9.25
CA LYS B 43 -5.82 -39.54 9.05
C LYS B 43 -6.53 -38.19 8.83
N ILE B 44 -7.30 -38.11 7.75
CA ILE B 44 -8.09 -36.91 7.36
C ILE B 44 -9.57 -37.28 7.53
N TYR B 45 -10.37 -36.41 8.17
CA TYR B 45 -11.78 -36.70 8.52
C TYR B 45 -12.74 -35.97 7.58
N GLY B 46 -12.20 -35.20 6.63
CA GLY B 46 -12.95 -34.34 5.71
C GLY B 46 -12.05 -33.29 5.07
N LYS B 47 -12.56 -32.62 4.05
CA LYS B 47 -11.74 -31.65 3.28
C LYS B 47 -12.64 -30.84 2.36
N ALA B 48 -12.20 -29.65 2.00
CA ALA B 48 -12.91 -28.80 1.04
C ALA B 48 -11.95 -27.76 0.45
N ILE B 49 -12.33 -27.26 -0.73
CA ILE B 49 -11.76 -26.03 -1.30
C ILE B 49 -12.80 -24.92 -1.14
N LEU B 50 -12.35 -23.75 -0.68
CA LEU B 50 -13.23 -22.57 -0.48
C LEU B 50 -13.51 -21.91 -1.83
N SER B 51 -14.68 -21.28 -1.92
CA SER B 51 -15.11 -20.45 -3.07
C SER B 51 -15.11 -18.99 -2.64
N PHE B 52 -14.60 -18.13 -3.51
CA PHE B 52 -14.49 -16.69 -3.24
C PHE B 52 -15.18 -15.94 -4.36
N ASP B 53 -16.12 -15.09 -3.97
CA ASP B 53 -16.91 -14.23 -4.87
C ASP B 53 -16.47 -12.77 -4.74
N GLY B 54 -16.70 -11.99 -5.77
CA GLY B 54 -16.52 -10.53 -5.77
C GLY B 54 -15.11 -10.11 -6.14
N VAL B 55 -14.30 -11.00 -6.72
CA VAL B 55 -12.92 -10.62 -7.17
C VAL B 55 -12.73 -11.05 -8.64
N ASN B 56 -13.79 -10.96 -9.46
CA ASN B 56 -13.67 -11.00 -10.94
C ASN B 56 -13.01 -12.32 -11.35
N GLY B 57 -13.27 -13.40 -10.61
CA GLY B 57 -12.74 -14.74 -10.91
C GLY B 57 -11.25 -14.91 -10.61
N TYR B 58 -10.56 -13.93 -10.02
CA TYR B 58 -9.13 -14.04 -9.62
C TYR B 58 -8.96 -15.22 -8.68
N ASP B 59 -7.76 -15.76 -8.61
CA ASP B 59 -7.43 -16.77 -7.58
C ASP B 59 -7.35 -16.10 -6.22
N VAL B 60 -7.67 -16.86 -5.18
CA VAL B 60 -7.54 -16.42 -3.78
C VAL B 60 -6.88 -17.53 -3.00
N TYR B 61 -5.77 -17.21 -2.34
CA TYR B 61 -4.98 -18.24 -1.65
C TYR B 61 -4.24 -17.61 -0.46
N ASN B 62 -3.49 -18.45 0.23
CA ASN B 62 -2.61 -18.07 1.36
C ASN B 62 -3.35 -17.09 2.26
N CYS B 63 -4.51 -17.54 2.73
CA CYS B 63 -5.42 -16.70 3.53
C CYS B 63 -4.94 -16.56 4.97
N SER B 64 -5.50 -15.59 5.67
CA SER B 64 -5.49 -15.58 7.16
C SER B 64 -6.28 -16.79 7.63
N ILE B 65 -6.27 -17.08 8.93
CA ILE B 65 -7.34 -17.97 9.47
C ILE B 65 -8.65 -17.19 9.43
N PRO B 66 -9.80 -17.88 9.41
CA PRO B 66 -11.08 -17.23 9.62
C PRO B 66 -11.13 -16.60 11.01
N PHE B 67 -11.92 -15.56 11.14
CA PHE B 67 -12.13 -14.83 12.41
C PHE B 67 -13.59 -14.38 12.47
N THR B 68 -14.02 -13.98 13.65
CA THR B 68 -15.41 -13.46 13.82
C THR B 68 -15.37 -12.01 14.26
N TYR B 69 -16.40 -11.29 13.87
CA TYR B 69 -16.58 -9.87 14.24
C TYR B 69 -18.04 -9.52 14.07
N ASP B 70 -18.63 -8.96 15.13
CA ASP B 70 -20.00 -8.37 15.10
C ASP B 70 -20.99 -9.40 14.52
N GLY B 71 -20.85 -10.67 14.89
CA GLY B 71 -21.85 -11.73 14.59
C GLY B 71 -21.62 -12.42 13.26
N LYS B 72 -20.51 -12.12 12.56
CA LYS B 72 -20.21 -12.73 11.23
C LYS B 72 -18.79 -13.31 11.23
N THR B 73 -18.55 -14.23 10.31
CA THR B 73 -17.22 -14.83 10.04
C THR B 73 -16.61 -14.15 8.81
N TYR B 74 -15.32 -13.89 8.89
CA TYR B 74 -14.51 -13.22 7.85
C TYR B 74 -13.23 -14.00 7.61
N ILE B 75 -12.58 -13.73 6.49
CA ILE B 75 -11.22 -14.23 6.21
C ILE B 75 -10.53 -13.19 5.30
N PHE B 76 -9.23 -12.99 5.48
CA PHE B 76 -8.45 -12.18 4.51
C PHE B 76 -7.85 -13.14 3.50
N GLY B 77 -7.92 -12.80 2.22
CA GLY B 77 -7.36 -13.61 1.14
C GLY B 77 -6.33 -12.82 0.34
N ARG B 78 -5.32 -13.52 -0.13
CA ARG B 78 -4.36 -13.03 -1.15
C ARG B 78 -4.98 -13.25 -2.52
N VAL B 79 -5.23 -12.16 -3.22
CA VAL B 79 -6.01 -12.14 -4.49
C VAL B 79 -5.08 -11.82 -5.65
N GLU B 80 -5.07 -12.66 -6.67
CA GLU B 80 -4.10 -12.55 -7.77
C GLU B 80 -4.64 -13.26 -8.99
N LYS B 81 -4.42 -12.69 -10.16
CA LYS B 81 -4.81 -13.37 -11.40
C LYS B 81 -3.95 -14.63 -11.56
N LYS B 82 -4.55 -15.71 -12.05
CA LYS B 82 -3.85 -17.01 -12.15
C LYS B 82 -2.58 -16.85 -12.98
N ASP B 83 -2.63 -16.06 -14.05
CA ASP B 83 -1.49 -15.93 -15.01
C ASP B 83 -0.62 -14.72 -14.70
N GLU B 84 -0.71 -14.16 -13.50
CA GLU B 84 0.13 -13.01 -13.08
C GLU B 84 0.92 -13.38 -11.83
N TRP B 85 2.16 -12.94 -11.78
CA TRP B 85 3.10 -13.25 -10.67
CA TRP B 85 3.05 -13.25 -10.63
C TRP B 85 3.45 -11.94 -9.95
N VAL B 86 3.43 -11.95 -8.63
CA VAL B 86 3.73 -10.76 -7.80
C VAL B 86 2.81 -9.59 -8.20
N HIS B 87 1.52 -9.87 -8.29
CA HIS B 87 0.46 -8.86 -8.52
C HIS B 87 -0.70 -9.13 -7.57
N SER B 88 -0.39 -9.23 -6.28
CA SER B 88 -1.38 -9.57 -5.26
C SER B 88 -1.88 -8.33 -4.50
N ASN B 89 -3.11 -8.46 -4.04
CA ASN B 89 -3.69 -7.58 -3.01
C ASN B 89 -4.38 -8.45 -1.98
N SER B 90 -4.46 -7.97 -0.76
CA SER B 90 -5.17 -8.69 0.32
C SER B 90 -6.54 -8.05 0.51
N ILE B 91 -7.57 -8.89 0.48
CA ILE B 91 -8.98 -8.47 0.53
C ILE B 91 -9.70 -9.16 1.68
N LEU B 92 -10.57 -8.40 2.34
CA LEU B 92 -11.45 -8.95 3.40
C LEU B 92 -12.71 -9.54 2.76
N PHE B 93 -13.00 -10.79 3.10
CA PHE B 93 -14.17 -11.57 2.60
C PHE B 93 -15.06 -11.88 3.80
N GLU B 94 -16.36 -11.76 3.61
CA GLU B 94 -17.39 -12.18 4.59
C GLU B 94 -17.82 -13.59 4.20
N LYS B 95 -17.95 -14.50 5.19
CA LYS B 95 -18.51 -15.83 4.93
C LYS B 95 -20.01 -15.67 4.66
N VAL B 96 -20.49 -16.21 3.54
CA VAL B 96 -21.91 -16.04 3.12
C VAL B 96 -22.60 -17.40 3.01
N GLY B 97 -21.90 -18.52 3.18
CA GLY B 97 -22.45 -19.86 3.00
C GLY B 97 -21.40 -20.90 3.26
N GLU B 98 -21.78 -22.17 3.28
CA GLU B 98 -20.84 -23.29 3.42
C GLU B 98 -19.70 -23.10 2.43
N ASN B 99 -18.50 -22.93 2.96
CA ASN B 99 -17.24 -22.93 2.16
C ASN B 99 -17.26 -21.76 1.18
N ARG B 100 -18.05 -20.70 1.43
CA ARG B 100 -18.21 -19.60 0.44
C ARG B 100 -18.06 -18.23 1.10
N TYR B 101 -17.20 -17.41 0.50
CA TYR B 101 -16.83 -16.08 0.99
C TYR B 101 -16.99 -15.05 -0.13
N ARG B 102 -17.37 -13.83 0.21
CA ARG B 102 -17.60 -12.75 -0.79
C ARG B 102 -16.85 -11.51 -0.33
N ARG B 103 -16.19 -10.82 -1.24
CA ARG B 103 -15.48 -9.57 -0.88
C ARG B 103 -16.45 -8.62 -0.16
N HIS B 104 -16.06 -8.12 1.01
CA HIS B 104 -16.87 -7.14 1.77
C HIS B 104 -16.57 -5.75 1.20
N PRO B 105 -17.54 -5.12 0.52
CA PRO B 105 -17.28 -3.86 -0.18
C PRO B 105 -16.92 -2.67 0.73
N ALA B 106 -17.32 -2.67 1.99
CA ALA B 106 -17.02 -1.54 2.91
C ALA B 106 -15.51 -1.48 3.19
N SER B 107 -14.83 -2.63 3.27
CA SER B 107 -13.43 -2.70 3.73
C SER B 107 -12.51 -2.09 2.67
N ILE B 108 -11.47 -1.42 3.12
CA ILE B 108 -10.34 -1.10 2.23
C ILE B 108 -9.62 -2.41 1.93
N THR B 109 -8.80 -2.38 0.91
CA THR B 109 -7.91 -3.50 0.56
C THR B 109 -6.47 -3.08 0.90
N TYR B 110 -5.58 -4.05 0.94
CA TYR B 110 -4.16 -3.85 1.35
C TYR B 110 -3.28 -4.37 0.23
N ASN B 111 -2.24 -3.57 -0.10
CA ASN B 111 -1.31 -3.93 -1.19
C ASN B 111 -0.25 -4.87 -0.61
N LEU B 112 -0.68 -6.09 -0.31
CA LEU B 112 0.10 -7.05 0.49
C LEU B 112 -0.15 -8.47 -0.01
N GLU B 113 0.86 -9.31 0.16
CA GLU B 113 0.77 -10.78 0.00
C GLU B 113 0.57 -11.43 1.38
N ASN B 114 -0.05 -12.60 1.39
CA ASN B 114 -0.02 -13.54 2.55
C ASN B 114 -0.48 -12.82 3.82
N PRO B 115 -1.76 -12.41 3.85
CA PRO B 115 -2.30 -11.70 5.01
C PRO B 115 -2.46 -12.64 6.20
N PHE B 116 -2.39 -12.06 7.40
CA PHE B 116 -2.53 -12.83 8.65
C PHE B 116 -3.07 -11.93 9.75
N VAL B 117 -3.78 -12.55 10.70
CA VAL B 117 -4.41 -11.83 11.84
C VAL B 117 -4.04 -12.54 13.13
N VAL B 118 -4.10 -11.77 14.20
CA VAL B 118 -3.98 -12.30 15.58
C VAL B 118 -4.64 -11.28 16.51
N LYS B 119 -5.11 -11.74 17.67
CA LYS B 119 -5.63 -10.82 18.70
C LYS B 119 -4.55 -10.50 19.69
N ILE B 120 -4.29 -9.20 19.89
CA ILE B 120 -3.34 -8.67 20.91
C ILE B 120 -4.06 -7.59 21.73
N HIS B 121 -4.10 -7.77 23.05
CA HIS B 121 -4.63 -6.75 23.99
C HIS B 121 -6.01 -6.29 23.52
N GLY B 122 -6.85 -7.22 23.07
CA GLY B 122 -8.28 -7.00 22.80
C GLY B 122 -8.54 -6.37 21.45
N GLU B 123 -7.51 -6.23 20.59
CA GLU B 123 -7.73 -5.69 19.23
C GLU B 123 -7.05 -6.58 18.19
N MET B 124 -7.39 -6.34 16.92
CA MET B 124 -6.80 -7.07 15.79
C MET B 124 -5.43 -6.46 15.49
N VAL B 125 -4.47 -7.33 15.30
CA VAL B 125 -3.20 -7.01 14.60
C VAL B 125 -3.24 -7.78 13.28
N PHE B 126 -3.12 -7.04 12.19
CA PHE B 126 -3.21 -7.56 10.81
C PHE B 126 -1.86 -7.29 10.16
N GLY B 127 -1.37 -8.25 9.39
CA GLY B 127 -0.12 -8.06 8.68
C GLY B 127 -0.13 -8.69 7.32
N GLY B 128 0.88 -8.36 6.54
CA GLY B 128 1.12 -8.99 5.23
C GLY B 128 2.46 -8.53 4.71
N THR B 129 2.84 -9.04 3.56
CA THR B 129 4.15 -8.71 2.95
C THR B 129 3.93 -7.63 1.90
N HIS B 130 4.64 -6.51 2.05
CA HIS B 130 4.63 -5.41 1.06
C HIS B 130 5.87 -5.57 0.18
N VAL B 131 5.62 -5.69 -1.11
CA VAL B 131 6.66 -5.95 -2.13
C VAL B 131 7.05 -4.61 -2.76
N THR B 132 8.37 -4.37 -2.83
CA THR B 132 8.94 -3.27 -3.65
C THR B 132 9.55 -3.87 -4.90
N LYS B 133 9.33 -3.20 -6.01
CA LYS B 133 9.94 -3.51 -7.31
C LYS B 133 10.78 -2.34 -7.78
N ASN B 134 11.70 -2.65 -8.68
CA ASN B 134 12.56 -1.70 -9.38
C ASN B 134 12.48 -2.04 -10.87
N GLY B 135 11.74 -1.26 -11.63
CA GLY B 135 11.55 -1.53 -13.06
C GLY B 135 10.97 -2.92 -13.32
N GLY B 136 10.00 -3.35 -12.51
CA GLY B 136 9.27 -4.60 -12.74
C GLY B 136 9.87 -5.78 -12.00
N LYS B 137 11.11 -5.65 -11.49
CA LYS B 137 11.84 -6.72 -10.77
CA LYS B 137 11.83 -6.74 -10.78
C LYS B 137 11.68 -6.54 -9.26
N VAL B 138 11.41 -7.60 -8.53
CA VAL B 138 11.32 -7.47 -7.04
C VAL B 138 12.70 -7.05 -6.54
N SER B 139 12.72 -6.01 -5.70
CA SER B 139 13.97 -5.47 -5.11
C SER B 139 13.93 -5.55 -3.59
N ASP B 140 12.75 -5.63 -2.99
CA ASP B 140 12.65 -5.68 -1.51
C ASP B 140 11.27 -6.21 -1.12
N TYR B 141 11.17 -6.64 0.12
CA TYR B 141 9.85 -6.99 0.70
C TYR B 141 9.99 -6.91 2.20
N ARG B 142 8.91 -6.52 2.83
CA ARG B 142 8.86 -6.34 4.29
C ARG B 142 7.46 -6.64 4.77
N CYS B 143 7.39 -7.10 6.00
CA CYS B 143 6.08 -7.27 6.68
CA CYS B 143 6.10 -7.28 6.69
C CYS B 143 5.58 -5.90 7.16
N GLU B 144 4.32 -5.61 6.86
CA GLU B 144 3.63 -4.39 7.34
C GLU B 144 2.57 -4.82 8.34
N PHE B 145 2.48 -4.09 9.44
CA PHE B 145 1.54 -4.35 10.55
C PHE B 145 0.58 -3.20 10.74
N TYR B 146 -0.69 -3.58 10.94
CA TYR B 146 -1.85 -2.71 11.19
C TYR B 146 -2.44 -3.17 12.51
N HIS B 147 -3.08 -2.26 13.22
CA HIS B 147 -3.89 -2.64 14.41
C HIS B 147 -5.19 -1.84 14.44
N GLY B 148 -6.16 -2.39 15.13
CA GLY B 148 -7.47 -1.74 15.33
C GLY B 148 -8.58 -2.77 15.32
N THR B 149 -9.72 -2.38 14.80
CA THR B 149 -10.88 -3.25 14.58
C THR B 149 -10.88 -3.64 13.10
N PRO B 150 -11.51 -4.77 12.74
CA PRO B 150 -11.35 -5.34 11.40
C PRO B 150 -11.72 -4.41 10.22
N PHE B 151 -12.65 -3.46 10.40
CA PHE B 151 -12.99 -2.47 9.34
C PHE B 151 -12.32 -1.13 9.62
N ASN B 152 -11.39 -1.08 10.57
CA ASN B 152 -10.72 0.21 10.90
C ASN B 152 -9.29 -0.08 11.36
N LEU B 153 -8.48 -0.59 10.43
CA LEU B 153 -7.08 -1.00 10.70
C LEU B 153 -6.13 0.15 10.34
N LYS B 154 -5.17 0.40 11.22
CA LYS B 154 -4.23 1.53 11.13
C LYS B 154 -2.80 0.97 11.08
N TYR B 155 -2.07 1.38 10.05
CA TYR B 155 -0.68 0.97 9.80
C TYR B 155 0.23 1.59 10.86
N PHE B 156 1.07 0.79 11.52
CA PHE B 156 1.95 1.34 12.57
C PHE B 156 3.41 0.92 12.45
N SER B 157 3.77 -0.13 11.73
CA SER B 157 5.19 -0.52 11.67
C SER B 157 5.44 -1.50 10.53
N SER B 158 6.70 -1.54 10.10
CA SER B 158 7.20 -2.59 9.21
C SER B 158 8.33 -3.34 9.90
N GLY B 159 8.47 -4.61 9.54
CA GLY B 159 9.65 -5.39 9.92
C GLY B 159 10.82 -5.03 9.02
N PRO B 160 11.96 -5.69 9.26
CA PRO B 160 13.15 -5.48 8.46
C PRO B 160 13.02 -5.92 7.00
N SER B 161 13.89 -5.34 6.18
CA SER B 161 14.05 -5.69 4.75
C SER B 161 14.26 -7.19 4.63
N LYS B 162 13.47 -7.82 3.76
CA LYS B 162 13.60 -9.21 3.29
C LYS B 162 13.32 -10.21 4.41
N MET B 163 12.51 -9.82 5.40
CA MET B 163 11.99 -10.77 6.40
C MET B 163 10.46 -10.91 6.25
N LYS B 164 10.01 -12.00 5.63
CA LYS B 164 8.56 -12.31 5.46
C LYS B 164 7.97 -12.93 6.73
N ASP B 165 8.73 -13.76 7.43
CA ASP B 165 8.07 -14.70 8.36
C ASP B 165 8.13 -14.09 9.77
N ILE B 166 7.23 -13.13 10.05
CA ILE B 166 7.10 -12.55 11.41
C ILE B 166 5.67 -12.83 11.89
N ARG B 167 5.51 -13.38 13.10
CA ARG B 167 4.16 -13.63 13.67
C ARG B 167 4.17 -13.20 15.13
N LEU B 168 3.03 -12.68 15.55
CA LEU B 168 2.83 -12.20 16.94
C LEU B 168 1.87 -13.15 17.66
N VAL B 169 1.91 -13.08 18.98
CA VAL B 169 0.93 -13.76 19.87
C VAL B 169 0.95 -13.05 21.22
N GLU B 170 -0.20 -13.03 21.91
CA GLU B 170 -0.22 -12.54 23.29
C GLU B 170 0.12 -13.72 24.20
N LEU B 171 1.17 -13.55 24.99
CA LEU B 171 1.64 -14.55 25.98
C LEU B 171 0.71 -14.55 27.19
N ALA B 172 0.81 -15.59 28.02
CA ALA B 172 -0.05 -15.77 29.19
C ALA B 172 0.02 -14.54 30.11
N ASP B 173 1.20 -13.96 30.28
CA ASP B 173 1.44 -12.83 31.23
C ASP B 173 1.10 -11.49 30.58
N GLY B 174 0.59 -11.49 29.34
CA GLY B 174 0.17 -10.25 28.67
C GLY B 174 1.30 -9.62 27.90
N LYS B 175 2.52 -10.17 27.93
CA LYS B 175 3.57 -9.69 26.99
C LYS B 175 3.20 -10.15 25.58
N ILE B 176 3.83 -9.54 24.58
CA ILE B 176 3.63 -9.90 23.16
C ILE B 176 4.85 -10.68 22.71
N GLY B 177 4.63 -11.93 22.30
CA GLY B 177 5.64 -12.80 21.69
C GLY B 177 5.74 -12.53 20.19
N ILE B 178 6.97 -12.54 19.69
CA ILE B 178 7.30 -12.27 18.27
C ILE B 178 8.19 -13.39 17.80
N PHE B 179 7.75 -14.12 16.77
CA PHE B 179 8.60 -15.08 16.01
C PHE B 179 9.17 -14.36 14.80
N THR B 180 10.48 -14.56 14.57
CA THR B 180 11.24 -13.96 13.47
C THR B 180 11.88 -15.09 12.68
N HIS B 181 12.22 -14.81 11.44
CA HIS B 181 12.86 -15.80 10.53
C HIS B 181 13.97 -15.09 9.78
N PHE B 182 15.21 -15.51 10.05
CA PHE B 182 16.45 -14.93 9.50
C PHE B 182 16.82 -15.75 8.28
N ARG B 183 16.47 -15.23 7.10
CA ARG B 183 16.50 -15.95 5.79
C ARG B 183 17.56 -15.35 4.85
N THR B 184 17.98 -14.09 5.05
CA THR B 184 18.70 -13.28 4.02
C THR B 184 20.06 -13.90 3.68
N GLU B 185 20.81 -14.40 4.67
CA GLU B 185 22.27 -14.70 4.49
C GLU B 185 22.49 -16.15 4.04
N GLY B 186 21.46 -16.83 3.52
CA GLY B 186 21.49 -18.26 3.13
C GLY B 186 21.00 -19.16 4.25
N SER B 187 21.19 -18.73 5.51
CA SER B 187 20.64 -19.36 6.74
C SER B 187 19.11 -19.32 6.72
N CYS B 188 18.47 -20.18 7.51
CA CYS B 188 17.00 -20.26 7.73
C CYS B 188 16.72 -20.51 9.22
N LEU B 189 16.95 -19.49 10.04
CA LEU B 189 17.00 -19.56 11.53
C LEU B 189 15.80 -18.82 12.11
N THR B 190 15.17 -19.36 13.15
CA THR B 190 13.96 -18.74 13.76
C THR B 190 14.37 -18.08 15.08
N GLY B 191 13.89 -16.85 15.30
CA GLY B 191 14.12 -16.13 16.58
C GLY B 191 12.83 -15.91 17.31
N PHE B 192 12.94 -15.57 18.59
CA PHE B 192 11.77 -15.23 19.43
C PHE B 192 12.15 -14.10 20.37
N THR B 193 11.26 -13.12 20.49
CA THR B 193 11.46 -12.03 21.46
C THR B 193 10.10 -11.56 21.96
N THR B 194 10.11 -10.65 22.94
CA THR B 194 8.88 -10.08 23.53
C THR B 194 8.96 -8.56 23.52
N ILE B 195 7.78 -7.96 23.46
CA ILE B 195 7.58 -6.51 23.71
C ILE B 195 6.37 -6.36 24.61
N ASP B 196 6.19 -5.17 25.19
CA ASP B 196 5.11 -4.92 26.19
C ASP B 196 3.86 -4.41 25.47
N LYS B 197 4.04 -3.59 24.43
CA LYS B 197 2.93 -2.90 23.73
C LYS B 197 3.15 -3.03 22.24
N VAL B 198 2.10 -3.14 21.45
CA VAL B 198 2.29 -3.48 20.01
C VAL B 198 3.07 -2.35 19.30
N GLU B 199 2.96 -1.09 19.71
CA GLU B 199 3.67 0.01 18.99
C GLU B 199 5.16 -0.01 19.32
N ASP B 200 5.62 -0.95 20.16
CA ASP B 200 7.07 -1.18 20.45
C ASP B 200 7.68 -2.10 19.39
N LEU B 201 6.88 -2.56 18.43
CA LEU B 201 7.35 -3.48 17.37
C LEU B 201 8.23 -2.71 16.38
N THR B 202 9.54 -2.87 16.48
CA THR B 202 10.52 -2.13 15.65
C THR B 202 11.42 -3.10 14.91
N VAL B 203 12.09 -2.60 13.87
CA VAL B 203 13.17 -3.34 13.16
C VAL B 203 14.21 -3.80 14.18
N GLU B 204 14.57 -2.94 15.13
CA GLU B 204 15.67 -3.18 16.11
C GLU B 204 15.27 -4.37 16.99
N VAL B 205 14.05 -4.39 17.51
CA VAL B 205 13.58 -5.49 18.38
C VAL B 205 13.59 -6.80 17.57
N ILE B 206 13.05 -6.77 16.35
CA ILE B 206 12.92 -7.98 15.51
C ILE B 206 14.32 -8.51 15.18
N ASN B 207 15.23 -7.65 14.75
CA ASN B 207 16.58 -8.02 14.27
C ASN B 207 17.41 -8.66 15.40
N SER B 208 17.14 -8.29 16.65
CA SER B 208 17.97 -8.73 17.79
C SER B 208 17.32 -9.94 18.50
N ALA B 209 16.21 -10.47 18.00
CA ALA B 209 15.48 -11.60 18.64
C ALA B 209 16.45 -12.76 18.90
N LYS B 210 16.37 -13.37 20.07
CA LYS B 210 17.23 -14.53 20.45
C LYS B 210 16.84 -15.76 19.60
N LEU B 211 17.83 -16.53 19.15
CA LEU B 211 17.55 -17.70 18.29
C LEU B 211 16.94 -18.83 19.13
N ILE B 212 15.96 -19.52 18.54
CA ILE B 212 15.30 -20.69 19.17
C ILE B 212 16.15 -21.91 18.84
N ASN B 213 16.02 -22.99 19.59
CA ASN B 213 16.66 -24.28 19.18
C ASN B 213 15.99 -24.75 17.89
N HIS B 214 16.66 -24.59 16.74
CA HIS B 214 16.07 -24.88 15.40
C HIS B 214 16.44 -26.30 14.97
N ARG B 215 17.17 -27.05 15.80
CA ARG B 215 17.66 -28.41 15.47
C ARG B 215 16.50 -29.33 15.09
N PRO B 216 15.32 -29.28 15.75
CA PRO B 216 14.17 -30.10 15.32
C PRO B 216 13.74 -29.90 13.85
N PHE B 217 13.92 -28.71 13.29
CA PHE B 217 13.43 -28.34 11.92
C PHE B 217 14.33 -28.93 10.83
N GLY B 218 15.57 -29.30 11.17
CA GLY B 218 16.52 -29.90 10.20
C GLY B 218 16.79 -28.93 9.05
N ASP B 219 16.69 -29.41 7.80
CA ASP B 219 17.04 -28.63 6.58
C ASP B 219 15.83 -27.86 6.03
N ALA B 220 14.69 -27.87 6.71
CA ALA B 220 13.46 -27.16 6.28
C ALA B 220 13.63 -25.66 6.50
N TRP B 221 13.06 -24.84 5.61
CA TRP B 221 12.98 -23.36 5.75
C TRP B 221 11.50 -22.98 5.90
N GLY B 222 11.21 -21.91 6.63
CA GLY B 222 9.84 -21.40 6.87
C GLY B 222 9.67 -20.96 8.31
N GLY B 223 8.42 -20.97 8.79
CA GLY B 223 8.08 -20.56 10.15
C GLY B 223 6.58 -20.52 10.34
N PRO B 224 6.12 -20.02 11.50
CA PRO B 224 4.70 -20.00 11.82
C PRO B 224 3.91 -19.18 10.81
N SER B 225 2.68 -19.62 10.56
CA SER B 225 1.59 -18.83 9.94
C SER B 225 0.69 -18.29 11.04
N GLN B 226 0.48 -19.12 12.06
CA GLN B 226 -0.40 -18.76 13.19
C GLN B 226 0.12 -19.36 14.46
N VAL B 227 0.19 -18.51 15.49
CA VAL B 227 0.68 -18.92 16.83
C VAL B 227 -0.50 -18.82 17.80
N TYR B 228 -0.57 -19.80 18.70
CA TYR B 228 -1.68 -19.91 19.66
C TYR B 228 -1.07 -20.01 21.05
N LEU B 229 -1.70 -19.31 21.99
CA LEU B 229 -1.41 -19.52 23.43
C LEU B 229 -2.18 -20.76 23.88
N LEU B 230 -1.49 -21.67 24.56
CA LEU B 230 -2.11 -22.90 25.11
C LEU B 230 -2.35 -22.73 26.61
N SER B 231 -3.22 -23.57 27.16
CA SER B 231 -3.61 -23.56 28.59
C SER B 231 -2.40 -23.80 29.50
N SER B 232 -1.36 -24.45 29.00
CA SER B 232 -0.07 -24.73 29.70
C SER B 232 0.80 -23.48 29.81
N GLY B 233 0.51 -22.43 29.02
CA GLY B 233 1.39 -21.26 28.89
C GLY B 233 2.40 -21.44 27.77
N LEU B 234 2.46 -22.63 27.17
CA LEU B 234 3.31 -22.87 25.97
C LEU B 234 2.62 -22.28 24.74
N LEU B 235 3.36 -22.17 23.64
CA LEU B 235 2.81 -21.66 22.37
C LEU B 235 2.70 -22.79 21.36
N GLY B 236 1.53 -22.96 20.79
CA GLY B 236 1.27 -23.89 19.69
C GLY B 236 1.47 -23.18 18.37
N CYS B 237 2.44 -23.61 17.58
CA CYS B 237 2.77 -22.97 16.28
C CYS B 237 2.29 -23.85 15.12
N ILE B 238 1.46 -23.27 14.24
CA ILE B 238 1.11 -23.89 12.93
C ILE B 238 1.98 -23.21 11.89
N SER B 239 2.80 -23.98 11.17
CA SER B 239 3.93 -23.41 10.41
C SER B 239 3.97 -23.97 8.98
N HIS B 240 4.72 -23.27 8.13
CA HIS B 240 5.01 -23.68 6.75
C HIS B 240 6.50 -24.02 6.71
N HIS B 241 6.83 -25.20 6.20
CA HIS B 241 8.25 -25.60 6.00
C HIS B 241 8.43 -26.13 4.59
N GLY B 242 9.53 -25.70 3.98
CA GLY B 242 9.96 -26.07 2.63
C GLY B 242 11.16 -26.98 2.71
N TYR B 243 11.25 -27.90 1.75
CA TYR B 243 12.31 -28.92 1.60
C TYR B 243 12.59 -29.03 0.10
N LEU B 244 13.83 -29.40 -0.25
CA LEU B 244 14.18 -29.94 -1.58
C LEU B 244 14.36 -31.45 -1.44
N LEU B 245 13.52 -32.22 -2.13
CA LEU B 245 13.56 -33.71 -2.20
C LEU B 245 14.44 -34.12 -3.39
N ASP B 246 15.49 -34.90 -3.12
CA ASP B 246 16.57 -35.30 -4.07
C ASP B 246 16.57 -36.84 -4.18
N ILE B 251 18.32 -33.81 -9.81
CA ILE B 251 17.18 -32.83 -9.84
C ILE B 251 16.38 -32.99 -8.54
N GLN B 252 15.81 -31.90 -8.04
CA GLN B 252 15.01 -31.88 -6.80
C GLN B 252 13.54 -31.56 -7.09
N LEU B 253 12.67 -31.91 -6.17
CA LEU B 253 11.29 -31.37 -6.08
C LEU B 253 11.29 -30.34 -4.95
N ARG B 254 10.62 -29.21 -5.13
CA ARG B 254 10.26 -28.27 -4.05
C ARG B 254 9.05 -28.85 -3.32
N ILE B 255 9.12 -29.04 -2.00
CA ILE B 255 7.96 -29.42 -1.15
C ILE B 255 7.67 -28.25 -0.18
N TYR B 256 6.43 -27.82 -0.07
CA TYR B 256 6.03 -26.91 1.03
C TYR B 256 4.95 -27.65 1.80
N ALA B 257 5.22 -27.98 3.07
CA ALA B 257 4.34 -28.83 3.91
C ALA B 257 3.78 -27.98 5.05
N CYS B 258 2.58 -28.35 5.51
CA CYS B 258 1.98 -27.80 6.74
C CYS B 258 2.58 -28.54 7.93
N THR B 259 3.12 -27.80 8.89
CA THR B 259 3.83 -28.37 10.06
C THR B 259 3.28 -27.75 11.34
N SER B 260 3.59 -28.37 12.47
CA SER B 260 3.28 -27.80 13.80
C SER B 260 4.45 -28.06 14.73
N PHE B 261 4.57 -27.21 15.73
CA PHE B 261 5.46 -27.47 16.88
C PHE B 261 4.93 -26.69 18.07
N VAL B 262 5.43 -27.06 19.24
CA VAL B 262 5.12 -26.36 20.51
C VAL B 262 6.41 -25.69 20.97
N PHE B 263 6.30 -24.46 21.45
CA PHE B 263 7.46 -23.64 21.84
C PHE B 263 7.29 -23.22 23.30
N ASP B 264 8.38 -23.33 24.07
CA ASP B 264 8.41 -22.87 25.47
C ASP B 264 9.12 -21.53 25.55
N PRO B 265 8.41 -20.40 25.76
CA PRO B 265 9.07 -19.10 25.84
C PRO B 265 10.08 -18.97 26.99
N ALA B 266 10.00 -19.83 28.01
CA ALA B 266 10.89 -19.75 29.19
C ALA B 266 12.26 -20.32 28.86
N THR B 267 12.33 -21.34 28.01
CA THR B 267 13.59 -22.10 27.71
C THR B 267 14.04 -21.94 26.25
N TYR B 268 13.16 -21.49 25.35
CA TYR B 268 13.39 -21.39 23.89
C TYR B 268 13.45 -22.80 23.28
N GLU B 269 12.89 -23.79 23.97
CA GLU B 269 12.88 -25.20 23.51
C GLU B 269 11.69 -25.39 22.55
N VAL B 270 11.89 -26.27 21.56
CA VAL B 270 10.87 -26.67 20.56
C VAL B 270 10.54 -28.15 20.79
N TYR B 271 9.25 -28.47 20.81
CA TYR B 271 8.73 -29.84 21.06
C TYR B 271 7.78 -30.25 19.95
N ASN B 272 7.75 -31.55 19.66
CA ASN B 272 6.65 -32.19 18.91
C ASN B 272 6.58 -31.60 17.50
N PHE B 273 7.71 -31.34 16.85
CA PHE B 273 7.75 -30.86 15.44
C PHE B 273 7.25 -32.01 14.56
N LYS B 274 6.26 -31.72 13.74
CA LYS B 274 5.75 -32.75 12.82
C LYS B 274 5.08 -32.12 11.62
N ILE B 275 4.92 -32.95 10.59
CA ILE B 275 4.11 -32.62 9.39
C ILE B 275 2.67 -32.93 9.73
N ILE B 276 1.75 -32.01 9.40
CA ILE B 276 0.29 -32.22 9.68
C ILE B 276 -0.54 -32.11 8.41
N GLY B 277 0.07 -31.74 7.29
CA GLY B 277 -0.67 -31.55 6.03
C GLY B 277 0.29 -31.42 4.86
N THR B 278 -0.14 -31.90 3.71
CA THR B 278 0.55 -31.72 2.41
C THR B 278 -0.52 -31.40 1.36
N LYS B 279 -0.09 -30.89 0.21
CA LYS B 279 -1.04 -30.46 -0.83
C LYS B 279 -1.93 -31.63 -1.24
N GLY B 280 -1.37 -32.86 -1.33
CA GLY B 280 -2.10 -34.08 -1.72
C GLY B 280 -3.24 -34.47 -0.78
N CYS B 281 -3.26 -33.92 0.44
CA CYS B 281 -4.34 -34.17 1.44
C CYS B 281 -5.60 -33.40 1.05
N PHE B 282 -5.41 -32.28 0.34
CA PHE B 282 -6.50 -31.35 -0.02
C PHE B 282 -7.12 -31.87 -1.30
N PRO B 283 -8.34 -31.40 -1.67
CA PRO B 283 -8.91 -31.78 -2.95
C PRO B 283 -7.95 -31.33 -4.05
N PRO B 284 -7.94 -32.04 -5.19
CA PRO B 284 -7.02 -31.68 -6.27
C PRO B 284 -7.28 -30.26 -6.81
N CYS B 285 -6.20 -29.60 -7.20
CA CYS B 285 -6.26 -28.33 -7.96
C CYS B 285 -4.94 -28.14 -8.68
N GLU B 286 -5.03 -27.72 -9.93
CA GLU B 286 -3.86 -27.48 -10.79
C GLU B 286 -3.07 -26.34 -10.17
N PRO B 287 -1.77 -26.55 -9.87
CA PRO B 287 -0.95 -25.50 -9.28
C PRO B 287 -0.70 -24.35 -10.25
N LYS B 288 -0.27 -23.21 -9.72
CA LYS B 288 -0.06 -21.98 -10.53
C LYS B 288 0.95 -22.25 -11.64
N LEU B 289 1.98 -23.05 -11.34
CA LEU B 289 2.95 -23.62 -12.30
C LEU B 289 3.34 -24.99 -11.78
N PRO B 290 3.84 -25.88 -12.65
CA PRO B 290 4.20 -27.24 -12.23
C PRO B 290 5.15 -27.34 -11.02
N HIS B 291 6.07 -26.38 -10.82
CA HIS B 291 7.03 -26.46 -9.70
C HIS B 291 6.32 -26.32 -8.35
N LEU B 292 5.05 -25.92 -8.33
CA LEU B 292 4.25 -25.76 -7.08
C LEU B 292 3.25 -26.92 -6.92
N ALA B 293 3.47 -28.04 -7.60
CA ALA B 293 2.62 -29.25 -7.49
C ALA B 293 2.64 -29.85 -6.08
N ASP B 294 3.65 -29.55 -5.26
CA ASP B 294 3.71 -30.05 -3.86
C ASP B 294 3.85 -28.86 -2.91
N CYS B 295 3.07 -27.81 -3.16
CA CYS B 295 3.09 -26.56 -2.36
C CYS B 295 1.76 -26.38 -1.61
N ALA B 296 1.83 -26.52 -0.29
CA ALA B 296 0.80 -26.08 0.67
C ALA B 296 1.44 -25.00 1.53
N PHE B 297 0.81 -23.83 1.59
CA PHE B 297 1.30 -22.71 2.43
C PHE B 297 0.25 -22.48 3.50
N VAL B 298 0.53 -23.00 4.68
CA VAL B 298 -0.50 -23.14 5.73
C VAL B 298 -1.03 -21.76 6.14
N SER B 299 -2.29 -21.72 6.56
CA SER B 299 -2.95 -20.51 7.11
C SER B 299 -3.09 -20.65 8.63
N GLY B 300 -3.53 -21.81 9.12
CA GLY B 300 -3.71 -22.05 10.56
C GLY B 300 -4.85 -23.03 10.84
N ILE B 301 -5.14 -23.22 12.13
CA ILE B 301 -6.22 -24.14 12.58
C ILE B 301 -7.35 -23.36 13.24
N GLU B 302 -8.50 -23.99 13.19
CA GLU B 302 -9.76 -23.61 13.86
C GLU B 302 -10.28 -24.84 14.58
N MET B 303 -10.56 -24.75 15.88
CA MET B 303 -11.14 -25.89 16.64
C MET B 303 -12.56 -26.15 16.17
N ARG B 304 -12.95 -27.43 16.14
CA ARG B 304 -14.33 -27.89 15.85
C ARG B 304 -14.99 -28.34 17.15
N ASN B 305 -16.33 -28.44 17.15
CA ASN B 305 -17.16 -28.95 18.28
C ASN B 305 -16.69 -30.35 18.70
N ASP B 306 -16.28 -31.18 17.72
CA ASP B 306 -15.93 -32.60 17.92
C ASP B 306 -14.49 -32.76 18.46
N GLY B 307 -13.78 -31.67 18.75
CA GLY B 307 -12.41 -31.70 19.32
C GLY B 307 -11.33 -31.86 18.26
N LYS B 308 -11.70 -32.11 17.01
CA LYS B 308 -10.73 -32.07 15.88
C LYS B 308 -10.58 -30.61 15.43
N CYS B 309 -9.76 -30.36 14.40
CA CYS B 309 -9.64 -28.98 13.89
CA CYS B 309 -9.42 -29.01 13.89
C CYS B 309 -9.64 -28.96 12.37
N ASN B 310 -10.04 -27.81 11.84
CA ASN B 310 -9.91 -27.48 10.41
C ASN B 310 -8.52 -26.86 10.24
N LEU B 311 -7.69 -27.48 9.44
CA LEU B 311 -6.37 -26.93 9.01
C LEU B 311 -6.58 -26.23 7.67
N TYR B 312 -6.55 -24.91 7.71
CA TYR B 312 -6.64 -24.07 6.50
C TYR B 312 -5.25 -23.91 5.90
N SER B 313 -5.19 -23.97 4.56
CA SER B 313 -3.92 -23.81 3.82
C SER B 313 -4.19 -23.20 2.44
N GLY B 314 -3.29 -22.34 2.00
CA GLY B 314 -3.14 -22.08 0.56
C GLY B 314 -2.62 -23.32 -0.10
N ILE B 315 -3.07 -23.61 -1.31
CA ILE B 315 -2.61 -24.81 -2.05
C ILE B 315 -2.27 -24.40 -3.49
N GLY B 316 -1.06 -24.78 -3.92
CA GLY B 316 -0.60 -24.60 -5.31
C GLY B 316 -0.48 -23.14 -5.72
N ASP B 317 -0.52 -22.21 -4.76
CA ASP B 317 -0.61 -20.74 -5.04
C ASP B 317 -1.81 -20.45 -5.94
N VAL B 318 -2.90 -21.22 -5.81
CA VAL B 318 -4.14 -20.96 -6.62
C VAL B 318 -5.39 -20.96 -5.75
N ALA B 319 -5.40 -21.65 -4.62
CA ALA B 319 -6.67 -21.90 -3.89
C ALA B 319 -6.44 -21.92 -2.39
N GLU B 320 -7.52 -21.85 -1.64
CA GLU B 320 -7.53 -22.05 -0.18
C GLU B 320 -8.43 -23.25 0.10
N GLY B 321 -7.95 -24.17 0.91
CA GLY B 321 -8.75 -25.32 1.34
C GLY B 321 -8.55 -25.59 2.82
N TYR B 322 -9.29 -26.56 3.34
CA TYR B 322 -8.99 -27.09 4.69
C TYR B 322 -9.11 -28.60 4.64
N ILE B 323 -8.38 -29.22 5.56
CA ILE B 323 -8.55 -30.65 5.91
C ILE B 323 -8.89 -30.75 7.38
N VAL B 324 -9.65 -31.78 7.73
CA VAL B 324 -10.04 -32.02 9.15
C VAL B 324 -9.00 -32.98 9.71
N ILE B 325 -8.29 -32.55 10.76
CA ILE B 325 -7.15 -33.27 11.36
C ILE B 325 -7.36 -33.38 12.87
N ASP B 326 -6.62 -34.30 13.46
CA ASP B 326 -6.47 -34.38 14.93
C ASP B 326 -5.83 -33.11 15.43
N TYR B 327 -6.22 -32.68 16.62
CA TYR B 327 -5.63 -31.50 17.30
C TYR B 327 -4.12 -31.70 17.40
N PRO B 328 -3.30 -30.86 16.74
CA PRO B 328 -1.86 -31.13 16.69
C PRO B 328 -1.04 -30.85 17.95
N PHE B 329 -1.59 -30.14 18.94
CA PHE B 329 -0.87 -29.82 20.19
C PHE B 329 -1.35 -30.73 21.33
N GLU B 330 -2.02 -31.85 21.02
CA GLU B 330 -2.58 -32.75 22.07
C GLU B 330 -1.49 -33.10 23.10
N GLY B 331 -1.77 -32.88 24.38
CA GLY B 331 -0.81 -33.18 25.47
C GLY B 331 -0.05 -31.94 25.94
N TYR B 332 -0.10 -30.83 25.20
CA TYR B 332 0.62 -29.58 25.56
C TYR B 332 -0.35 -28.48 25.97
N GLY B 333 -1.64 -28.77 25.91
CA GLY B 333 -2.70 -27.87 26.39
C GLY B 333 -3.63 -27.45 25.27
N LYS B 334 -4.81 -26.97 25.66
CA LYS B 334 -5.87 -26.56 24.70
C LYS B 334 -5.57 -25.11 24.33
N ILE B 335 -6.02 -24.72 23.14
CA ILE B 335 -5.85 -23.32 22.67
C ILE B 335 -6.70 -22.45 23.59
N VAL B 336 -6.12 -21.38 24.13
CA VAL B 336 -6.90 -20.39 24.93
C VAL B 336 -6.91 -19.04 24.22
N SER B 337 -6.05 -18.79 23.23
CA SER B 337 -6.16 -17.55 22.44
C SER B 337 -7.37 -17.69 21.50
N ASP B 338 -7.86 -16.57 20.98
CA ASP B 338 -9.04 -16.59 20.09
C ASP B 338 -8.89 -15.49 19.05
N VAL B 339 -9.72 -15.56 18.03
CA VAL B 339 -9.86 -14.49 16.99
C VAL B 339 -11.32 -14.08 16.94
N ALA B 340 -11.95 -13.94 18.12
CA ALA B 340 -13.34 -13.46 18.26
C ALA B 340 -13.29 -11.97 18.59
N PHE B 341 -13.31 -11.15 17.55
CA PHE B 341 -13.23 -9.67 17.66
C PHE B 341 -14.62 -9.08 17.90
#